data_4Z84
#
_entry.id   4Z84
#
_cell.length_a   61.852
_cell.length_b   78.431
_cell.length_c   79.506
_cell.angle_alpha   90.0
_cell.angle_beta   90.0
_cell.angle_gamma   90.0
#
_symmetry.space_group_name_H-M   'P 21 21 21'
#
loop_
_entity.id
_entity.type
_entity.pdbx_description
1 polymer 'cAMP-dependent protein kinase catalytic subunit alpha'
2 polymer 'cAMP-dependent protein kinase inhibitor alpha'
3 non-polymer 7-[(3S,4R)-4-(3-chlorophenyl)carbonylpyrrolidin-3-yl]-3H-quinazolin-4-one
4 non-polymer METHANOL
5 water water
#
loop_
_entity_poly.entity_id
_entity_poly.type
_entity_poly.pdbx_seq_one_letter_code
_entity_poly.pdbx_strand_id
1 'polypeptide(L)'
;MGNAAAAKKGSEQESVKEFLAKAKEDFLKKWENPAQNTAHLDQFERIKTLGTGSFGRVMLVKHMETGNHYAMKILDKQKV
VKLKQIEHTLNEKRILQAVNFPFLVKLEFSFKDNSNLYMVMEYAPGGEMFSHLRRIGRFSEPHARFYAAQIVLTFEYLHS
LDLIYRDLKPENLMIDQQGYIKVTDFGFAKRVKGRTW(TPO)LCGTPEYLAPEIILSKGYNKAVDWWALGVLIYEMAAGY
PPFFADQPIQIYEKIVSGKVRFPSHFSSDLKDLLRNLLQVDLTKRFGNLKNGVNDIKNHKWFATTDWIAIYQRKVEAPFI
PKFKGPGDTSNFDDYEEEEIRV(SEP)INEKCGKEFSEF
;
A
2 'polypeptide(L)' TTYADFIASGRTGRRNAIHD I
#
loop_
_chem_comp.id
_chem_comp.type
_chem_comp.name
_chem_comp.formula
MOH non-polymer METHANOL 'C H4 O'
NVX non-polymer 7-[(3S,4R)-4-(3-chlorophenyl)carbonylpyrrolidin-3-yl]-3H-quinazolin-4-one 'C19 H16 Cl N3 O2'
#
# COMPACT_ATOMS: atom_id res chain seq x y z
N SER A 15 -11.65 12.65 16.27
CA SER A 15 -12.64 11.63 15.95
C SER A 15 -11.97 10.32 15.54
N VAL A 16 -10.81 10.04 16.13
CA VAL A 16 -10.09 8.78 15.87
C VAL A 16 -10.55 7.72 16.87
N LYS A 17 -11.74 7.90 17.41
CA LYS A 17 -12.34 6.93 18.32
C LYS A 17 -13.76 6.63 17.89
N GLU A 18 -14.57 7.67 17.72
CA GLU A 18 -15.96 7.49 17.35
C GLU A 18 -16.07 6.80 15.99
N PHE A 19 -15.19 7.16 15.05
CA PHE A 19 -15.26 6.58 13.72
C PHE A 19 -15.01 5.06 13.77
N LEU A 20 -13.98 4.65 14.49
CA LEU A 20 -13.60 3.24 14.57
C LEU A 20 -14.77 2.37 15.02
N ALA A 21 -15.55 2.86 15.98
CA ALA A 21 -16.68 2.09 16.50
C ALA A 21 -17.68 1.79 15.39
N LYS A 22 -18.14 2.83 14.73
CA LYS A 22 -19.13 2.66 13.67
C LYS A 22 -18.54 1.91 12.47
N ALA A 23 -17.22 1.97 12.34
CA ALA A 23 -16.54 1.42 11.18
C ALA A 23 -16.57 -0.10 11.16
N LYS A 24 -16.50 -0.72 12.34
CA LYS A 24 -16.45 -2.18 12.40
C LYS A 24 -17.79 -2.76 11.96
N GLU A 25 -18.87 -2.21 12.49
CA GLU A 25 -20.21 -2.65 12.14
C GLU A 25 -20.44 -2.53 10.64
N ASP A 26 -19.98 -1.43 10.04
CA ASP A 26 -20.23 -1.21 8.63
C ASP A 26 -19.41 -2.16 7.76
N PHE A 27 -18.16 -2.39 8.16
CA PHE A 27 -17.29 -3.27 7.41
C PHE A 27 -17.79 -4.72 7.45
N LEU A 28 -18.21 -5.18 8.62
CA LEU A 28 -18.62 -6.57 8.73
C LEU A 28 -19.83 -6.86 7.82
N LYS A 29 -20.79 -5.94 7.73
CA LYS A 29 -21.93 -6.14 6.84
C LYS A 29 -21.48 -6.32 5.39
N LYS A 30 -20.58 -5.47 4.91
CA LYS A 30 -20.10 -5.58 3.53
C LYS A 30 -19.20 -6.80 3.34
N TRP A 31 -18.43 -7.13 4.37
CA TRP A 31 -17.58 -8.30 4.33
C TRP A 31 -18.40 -9.57 4.12
N GLU A 32 -19.54 -9.66 4.80
CA GLU A 32 -20.31 -10.88 4.76
C GLU A 32 -21.21 -10.88 3.53
N ASN A 33 -21.44 -9.73 2.91
CA ASN A 33 -22.30 -9.68 1.72
C ASN A 33 -21.76 -8.72 0.66
N PRO A 34 -20.64 -9.10 0.03
CA PRO A 34 -19.89 -8.23 -0.87
C PRO A 34 -20.67 -7.77 -2.10
N ALA A 35 -20.51 -6.50 -2.46
CA ALA A 35 -21.03 -5.98 -3.70
C ALA A 35 -20.34 -6.64 -4.90
N GLN A 36 -21.14 -6.97 -5.91
CA GLN A 36 -20.69 -7.77 -7.03
C GLN A 36 -21.25 -7.21 -8.31
N ASN A 37 -20.43 -7.20 -9.36
CA ASN A 37 -20.88 -6.88 -10.72
C ASN A 37 -21.66 -5.55 -10.80
N THR A 38 -21.00 -4.44 -10.49
CA THR A 38 -21.70 -3.15 -10.37
C THR A 38 -21.43 -2.21 -11.54
N ALA A 39 -20.75 -2.70 -12.57
CA ALA A 39 -20.54 -1.93 -13.80
C ALA A 39 -20.14 -2.86 -14.91
N HIS A 40 -19.93 -2.28 -16.09
CA HIS A 40 -19.52 -3.01 -17.29
C HIS A 40 -18.44 -2.25 -18.06
N LEU A 41 -17.56 -2.98 -18.74
CA LEU A 41 -16.39 -2.40 -19.38
C LEU A 41 -16.75 -1.31 -20.37
N ASP A 42 -17.84 -1.50 -21.10
CA ASP A 42 -18.27 -0.55 -22.10
C ASP A 42 -18.77 0.77 -21.51
N GLN A 43 -18.80 0.89 -20.19
CA GLN A 43 -19.23 2.12 -19.56
C GLN A 43 -18.07 3.08 -19.38
N PHE A 44 -16.86 2.64 -19.73
CA PHE A 44 -15.65 3.41 -19.47
C PHE A 44 -14.84 3.63 -20.75
N GLU A 45 -14.35 4.86 -20.94
CA GLU A 45 -13.38 5.14 -21.98
C GLU A 45 -12.00 4.92 -21.39
N ARG A 46 -11.24 3.97 -21.94
CA ARG A 46 -9.87 3.74 -21.48
C ARG A 46 -8.93 4.76 -22.12
N ILE A 47 -7.94 5.24 -21.37
CA ILE A 47 -7.13 6.36 -21.82
C ILE A 47 -5.64 6.05 -21.82
N LYS A 48 -5.13 5.62 -20.68
CA LYS A 48 -3.69 5.52 -20.50
C LYS A 48 -3.36 4.61 -19.32
N THR A 49 -2.25 3.89 -19.44
CA THR A 49 -1.74 3.03 -18.38
C THR A 49 -1.01 3.86 -17.34
N LEU A 50 -1.46 3.72 -16.10
CA LEU A 50 -0.87 4.40 -14.93
C LEU A 50 0.17 3.55 -14.18
N GLY A 51 0.19 2.25 -14.44
CA GLY A 51 1.08 1.30 -13.77
C GLY A 51 0.79 -0.13 -14.19
N THR A 52 1.71 -1.03 -13.86
CA THR A 52 1.64 -2.43 -14.32
C THR A 52 1.97 -3.41 -13.19
N GLY A 53 1.52 -4.66 -13.32
CA GLY A 53 1.74 -5.67 -12.31
C GLY A 53 1.85 -7.07 -12.89
N SER A 54 2.05 -8.06 -12.02
CA SER A 54 2.40 -9.42 -12.43
C SER A 54 1.47 -9.99 -13.48
N PHE A 55 0.20 -9.62 -13.40
CA PHE A 55 -0.78 -10.20 -14.30
C PHE A 55 -1.84 -9.20 -14.70
N GLY A 56 -1.42 -7.95 -14.86
CA GLY A 56 -2.32 -6.94 -15.36
C GLY A 56 -1.76 -5.54 -15.38
N ARG A 57 -2.66 -4.58 -15.35
CA ARG A 57 -2.28 -3.18 -15.40
C ARG A 57 -3.38 -2.32 -14.80
N VAL A 58 -3.05 -1.07 -14.50
CA VAL A 58 -4.02 -0.08 -14.03
C VAL A 58 -4.10 1.02 -15.05
N MET A 59 -5.30 1.28 -15.57
CA MET A 59 -5.52 2.34 -16.55
C MET A 59 -6.40 3.49 -16.05
N LEU A 60 -6.03 4.69 -16.47
CA LEU A 60 -6.89 5.85 -16.36
C LEU A 60 -8.07 5.65 -17.29
N VAL A 61 -9.27 5.81 -16.77
CA VAL A 61 -10.48 5.66 -17.56
C VAL A 61 -11.41 6.80 -17.23
N LYS A 62 -12.34 7.06 -18.14
CA LYS A 62 -13.38 8.04 -17.92
C LYS A 62 -14.70 7.33 -17.95
N HIS A 63 -15.45 7.46 -16.86
CA HIS A 63 -16.81 6.98 -16.84
C HIS A 63 -17.63 7.88 -17.75
N MET A 64 -18.08 7.36 -18.90
CA MET A 64 -18.69 8.19 -19.93
C MET A 64 -19.95 8.89 -19.45
N GLU A 65 -20.72 8.20 -18.62
CA GLU A 65 -22.03 8.72 -18.26
C GLU A 65 -21.91 9.90 -17.29
N THR A 66 -20.92 9.87 -16.40
CA THR A 66 -20.77 10.91 -15.38
C THR A 66 -19.59 11.84 -15.64
N GLY A 67 -18.72 11.43 -16.57
CA GLY A 67 -17.54 12.21 -16.88
C GLY A 67 -16.40 12.06 -15.89
N ASN A 68 -16.65 11.32 -14.81
CA ASN A 68 -15.63 11.13 -13.79
C ASN A 68 -14.45 10.31 -14.29
N HIS A 69 -13.26 10.61 -13.79
CA HIS A 69 -12.08 9.81 -14.10
C HIS A 69 -11.79 8.81 -12.97
N TYR A 70 -11.31 7.64 -13.35
CA TYR A 70 -11.01 6.57 -12.40
C TYR A 70 -9.78 5.80 -12.85
N ALA A 71 -9.25 5.00 -11.92
CA ALA A 71 -8.13 4.12 -12.20
C ALA A 71 -8.62 2.69 -12.21
N MET A 72 -8.59 2.07 -13.38
CA MET A 72 -9.15 0.75 -13.54
C MET A 72 -8.05 -0.27 -13.53
N LYS A 73 -8.10 -1.15 -12.54
CA LYS A 73 -7.22 -2.29 -12.49
C LYS A 73 -7.79 -3.45 -13.30
N ILE A 74 -6.99 -3.97 -14.23
CA ILE A 74 -7.40 -5.04 -15.14
C ILE A 74 -6.46 -6.23 -14.93
N LEU A 75 -7.03 -7.34 -14.46
N LEU A 75 -7.03 -7.35 -14.51
CA LEU A 75 -6.26 -8.55 -14.20
CA LEU A 75 -6.26 -8.55 -14.19
C LEU A 75 -6.65 -9.65 -15.16
C LEU A 75 -6.65 -9.72 -15.07
N ASP A 76 -5.66 -10.34 -15.69
CA ASP A 76 -5.89 -11.47 -16.60
C ASP A 76 -6.16 -12.71 -15.75
N LYS A 77 -7.39 -13.22 -15.82
CA LYS A 77 -7.79 -14.36 -14.98
C LYS A 77 -6.82 -15.51 -15.15
N GLN A 78 -6.42 -15.76 -16.40
CA GLN A 78 -5.61 -16.93 -16.69
C GLN A 78 -4.26 -16.79 -15.99
N LYS A 79 -3.69 -15.59 -16.01
CA LYS A 79 -2.38 -15.34 -15.41
C LYS A 79 -2.46 -15.39 -13.89
N VAL A 80 -3.61 -15.00 -13.33
CA VAL A 80 -3.78 -15.05 -11.88
C VAL A 80 -3.73 -16.49 -11.40
N VAL A 81 -4.50 -17.33 -12.07
CA VAL A 81 -4.52 -18.75 -11.80
C VAL A 81 -3.12 -19.36 -11.95
N LYS A 82 -2.45 -19.08 -13.06
CA LYS A 82 -1.16 -19.68 -13.32
C LYS A 82 -0.15 -19.33 -12.24
N LEU A 83 -0.26 -18.14 -11.67
CA LEU A 83 0.62 -17.71 -10.58
C LEU A 83 0.00 -17.96 -9.22
N LYS A 84 -1.01 -18.82 -9.16
CA LYS A 84 -1.65 -19.24 -7.90
C LYS A 84 -2.00 -18.08 -6.95
N GLN A 85 -2.55 -17.01 -7.50
CA GLN A 85 -2.94 -15.84 -6.73
C GLN A 85 -4.44 -15.72 -6.59
N ILE A 86 -5.14 -16.83 -6.78
CA ILE A 86 -6.60 -16.79 -6.79
C ILE A 86 -7.13 -16.30 -5.46
N GLU A 87 -6.72 -16.94 -4.37
CA GLU A 87 -7.25 -16.56 -3.06
C GLU A 87 -6.86 -15.12 -2.69
N HIS A 88 -5.62 -14.74 -3.02
CA HIS A 88 -5.15 -13.39 -2.77
C HIS A 88 -5.97 -12.34 -3.54
N THR A 89 -6.41 -12.70 -4.75
CA THR A 89 -7.17 -11.79 -5.58
C THR A 89 -8.60 -11.67 -5.06
N LEU A 90 -9.21 -12.80 -4.70
CA LEU A 90 -10.46 -12.77 -3.99
C LEU A 90 -10.36 -11.98 -2.67
N ASN A 91 -9.29 -12.15 -1.90
CA ASN A 91 -9.05 -11.32 -0.70
C ASN A 91 -9.10 -9.82 -1.02
N GLU A 92 -8.34 -9.43 -2.04
CA GLU A 92 -8.21 -8.03 -2.41
C GLU A 92 -9.54 -7.36 -2.67
N LYS A 93 -10.35 -7.97 -3.53
CA LYS A 93 -11.60 -7.36 -3.91
C LYS A 93 -12.61 -7.41 -2.77
N ARG A 94 -12.66 -8.50 -2.01
CA ARG A 94 -13.62 -8.59 -0.93
C ARG A 94 -13.30 -7.55 0.17
N ILE A 95 -12.02 -7.32 0.43
CA ILE A 95 -11.63 -6.39 1.47
C ILE A 95 -11.84 -4.96 0.97
N LEU A 96 -11.40 -4.68 -0.25
CA LEU A 96 -11.49 -3.30 -0.75
C LEU A 96 -12.93 -2.82 -0.80
N GLN A 97 -13.84 -3.68 -1.25
CA GLN A 97 -15.23 -3.26 -1.34
C GLN A 97 -15.87 -3.02 0.03
N ALA A 98 -15.28 -3.56 1.10
CA ALA A 98 -15.87 -3.49 2.43
C ALA A 98 -15.33 -2.34 3.29
N VAL A 99 -14.18 -1.76 2.93
CA VAL A 99 -13.53 -0.74 3.77
C VAL A 99 -13.82 0.70 3.38
N ASN A 100 -13.58 1.62 4.31
CA ASN A 100 -13.89 3.03 4.17
C ASN A 100 -13.05 3.84 5.15
N PHE A 101 -12.08 4.58 4.62
CA PHE A 101 -11.17 5.35 5.47
C PHE A 101 -10.56 6.46 4.61
N PRO A 102 -10.32 7.65 5.21
CA PRO A 102 -9.89 8.79 4.39
C PRO A 102 -8.62 8.55 3.57
N PHE A 103 -7.76 7.65 4.05
CA PHE A 103 -6.46 7.42 3.39
C PHE A 103 -6.36 6.08 2.66
N LEU A 104 -7.50 5.50 2.31
CA LEU A 104 -7.57 4.31 1.45
C LEU A 104 -8.22 4.69 0.17
N VAL A 105 -7.72 4.25 -0.98
CA VAL A 105 -8.48 4.43 -2.20
C VAL A 105 -9.82 3.73 -2.11
N LYS A 106 -10.80 4.34 -2.76
CA LYS A 106 -12.14 3.77 -2.85
C LYS A 106 -12.22 2.84 -4.04
N LEU A 107 -12.85 1.70 -3.83
CA LEU A 107 -13.32 0.87 -4.93
C LEU A 107 -14.70 1.40 -5.30
N GLU A 108 -14.85 1.85 -6.55
CA GLU A 108 -16.08 2.47 -7.02
C GLU A 108 -16.97 1.40 -7.64
N PHE A 109 -16.34 0.56 -8.46
CA PHE A 109 -17.03 -0.50 -9.19
C PHE A 109 -16.16 -1.75 -9.29
N SER A 110 -16.76 -2.91 -9.47
CA SER A 110 -16.00 -4.08 -9.87
C SER A 110 -16.89 -4.96 -10.73
N PHE A 111 -16.25 -5.75 -11.59
CA PHE A 111 -16.97 -6.64 -12.49
C PHE A 111 -15.95 -7.54 -13.16
N LYS A 112 -16.41 -8.43 -14.03
CA LYS A 112 -15.54 -9.40 -14.69
C LYS A 112 -16.15 -9.75 -16.01
N ASP A 113 -15.33 -10.18 -16.96
CA ASP A 113 -15.86 -10.68 -18.21
C ASP A 113 -15.20 -12.00 -18.55
N ASN A 114 -15.33 -12.46 -19.80
CA ASN A 114 -14.80 -13.76 -20.15
C ASN A 114 -13.31 -13.90 -19.81
N SER A 115 -12.55 -12.82 -19.91
CA SER A 115 -11.11 -12.91 -19.79
C SER A 115 -10.54 -12.27 -18.52
N ASN A 116 -11.16 -11.17 -18.08
CA ASN A 116 -10.53 -10.32 -17.05
C ASN A 116 -11.37 -10.03 -15.81
N LEU A 117 -10.66 -9.60 -14.77
CA LEU A 117 -11.29 -9.01 -13.60
C LEU A 117 -11.03 -7.50 -13.60
N TYR A 118 -12.05 -6.73 -13.24
CA TYR A 118 -11.93 -5.27 -13.21
C TYR A 118 -12.22 -4.71 -11.84
N MET A 119 -11.30 -3.89 -11.33
CA MET A 119 -11.56 -3.10 -10.13
C MET A 119 -11.37 -1.65 -10.49
N VAL A 120 -12.48 -0.91 -10.48
CA VAL A 120 -12.44 0.52 -10.79
C VAL A 120 -12.35 1.29 -9.50
N MET A 121 -11.25 2.01 -9.36
CA MET A 121 -10.92 2.71 -8.13
C MET A 121 -10.79 4.22 -8.34
N GLU A 122 -10.81 4.93 -7.23
CA GLU A 122 -10.53 6.34 -7.17
C GLU A 122 -9.19 6.63 -7.85
N TYR A 123 -9.14 7.72 -8.61
CA TYR A 123 -7.91 8.16 -9.28
C TYR A 123 -7.16 9.18 -8.44
N ALA A 124 -5.86 8.95 -8.25
CA ALA A 124 -5.01 9.84 -7.46
C ALA A 124 -4.09 10.59 -8.42
N PRO A 125 -4.42 11.85 -8.73
CA PRO A 125 -3.67 12.58 -9.77
C PRO A 125 -2.24 12.93 -9.37
N GLY A 126 -1.92 12.81 -8.09
CA GLY A 126 -0.60 13.21 -7.65
C GLY A 126 0.48 12.17 -7.92
N GLY A 127 0.09 11.00 -8.40
CA GLY A 127 1.08 9.97 -8.66
C GLY A 127 1.53 9.25 -7.39
N GLU A 128 2.56 8.41 -7.53
CA GLU A 128 3.04 7.57 -6.45
C GLU A 128 4.05 8.33 -5.63
N MET A 129 4.03 8.13 -4.32
CA MET A 129 5.06 8.70 -3.46
C MET A 129 6.43 8.33 -3.99
N PHE A 130 6.56 7.09 -4.48
CA PHE A 130 7.82 6.57 -4.99
C PHE A 130 8.48 7.52 -5.99
N SER A 131 7.73 7.98 -6.98
CA SER A 131 8.25 8.90 -7.97
C SER A 131 8.87 10.13 -7.35
N HIS A 132 8.12 10.75 -6.44
CA HIS A 132 8.54 12.00 -5.82
C HIS A 132 9.76 11.80 -4.93
N LEU A 133 9.74 10.70 -4.19
CA LEU A 133 10.80 10.40 -3.25
C LEU A 133 12.10 10.12 -3.98
N ARG A 134 12.06 9.42 -5.09
CA ARG A 134 13.29 9.12 -5.78
C ARG A 134 13.84 10.42 -6.38
N ARG A 135 12.97 11.18 -7.05
CA ARG A 135 13.37 12.44 -7.66
C ARG A 135 14.03 13.39 -6.67
N ILE A 136 13.38 13.64 -5.54
CA ILE A 136 13.90 14.61 -4.56
C ILE A 136 15.08 14.05 -3.77
N GLY A 137 15.19 12.73 -3.70
CA GLY A 137 16.25 12.08 -2.95
C GLY A 137 15.71 11.57 -1.64
N ARG A 138 15.35 12.50 -0.76
CA ARG A 138 14.76 12.18 0.54
C ARG A 138 13.81 13.29 0.99
N PHE A 139 12.92 12.96 1.92
CA PHE A 139 12.00 13.91 2.52
C PHE A 139 12.58 14.41 3.83
N SER A 140 12.30 15.67 4.17
CA SER A 140 12.61 16.21 5.50
C SER A 140 11.86 15.41 6.59
N GLU A 141 12.27 15.49 7.85
CA GLU A 141 11.57 14.73 8.87
C GLU A 141 10.11 15.21 9.06
N PRO A 142 9.86 16.53 9.01
CA PRO A 142 8.45 16.94 9.06
C PRO A 142 7.60 16.40 7.88
N HIS A 143 8.18 16.35 6.68
CA HIS A 143 7.52 15.82 5.50
C HIS A 143 7.21 14.33 5.69
N ALA A 144 8.23 13.59 6.10
CA ALA A 144 8.09 12.15 6.36
C ALA A 144 7.08 11.87 7.47
N ARG A 145 7.05 12.74 8.48
CA ARG A 145 6.14 12.63 9.62
C ARG A 145 4.67 12.77 9.21
N PHE A 146 4.45 13.73 8.31
CA PHE A 146 3.13 13.99 7.76
C PHE A 146 2.56 12.73 7.09
N TYR A 147 3.34 12.09 6.24
CA TYR A 147 2.93 10.85 5.58
C TYR A 147 2.75 9.68 6.56
N ALA A 148 3.77 9.49 7.40
CA ALA A 148 3.81 8.43 8.38
C ALA A 148 2.60 8.49 9.32
N ALA A 149 2.14 9.68 9.67
CA ALA A 149 0.96 9.80 10.52
C ALA A 149 -0.28 9.21 9.85
N GLN A 150 -0.37 9.41 8.54
CA GLN A 150 -1.53 8.87 7.82
C GLN A 150 -1.47 7.35 7.78
N ILE A 151 -0.28 6.80 7.59
CA ILE A 151 -0.11 5.33 7.61
C ILE A 151 -0.43 4.74 8.99
N VAL A 152 0.00 5.40 10.06
CA VAL A 152 -0.32 4.93 11.40
C VAL A 152 -1.82 4.86 11.63
N LEU A 153 -2.53 5.92 11.26
CA LEU A 153 -4.00 5.95 11.35
C LEU A 153 -4.65 4.85 10.49
N THR A 154 -4.15 4.68 9.27
CA THR A 154 -4.69 3.68 8.37
C THR A 154 -4.49 2.27 8.92
N PHE A 155 -3.33 2.00 9.54
CA PHE A 155 -3.07 0.68 10.06
C PHE A 155 -3.89 0.41 11.32
N GLU A 156 -4.04 1.44 12.15
CA GLU A 156 -4.98 1.39 13.28
C GLU A 156 -6.37 0.95 12.79
N TYR A 157 -6.81 1.56 11.70
CA TYR A 157 -8.14 1.22 11.14
C TYR A 157 -8.16 -0.22 10.65
N LEU A 158 -7.21 -0.58 9.79
CA LEU A 158 -7.22 -1.90 9.18
C LEU A 158 -7.09 -2.98 10.25
N HIS A 159 -6.19 -2.75 11.20
CA HIS A 159 -5.93 -3.77 12.20
C HIS A 159 -7.16 -3.97 13.11
N SER A 160 -7.95 -2.91 13.30
CA SER A 160 -9.18 -2.96 14.10
C SER A 160 -10.20 -3.91 13.49
N LEU A 161 -10.02 -4.17 12.20
CA LEU A 161 -10.90 -5.01 11.41
C LEU A 161 -10.32 -6.40 11.18
N ASP A 162 -9.22 -6.72 11.87
CA ASP A 162 -8.51 -7.99 11.71
C ASP A 162 -7.87 -8.12 10.32
N LEU A 163 -7.62 -6.99 9.67
CA LEU A 163 -6.94 -6.95 8.39
C LEU A 163 -5.45 -6.66 8.52
N ILE A 164 -4.65 -7.44 7.80
N ILE A 164 -4.64 -7.47 7.86
CA ILE A 164 -3.22 -7.19 7.70
CA ILE A 164 -3.23 -7.18 7.70
C ILE A 164 -2.91 -6.85 6.24
C ILE A 164 -3.04 -6.73 6.26
N TYR A 165 -2.13 -5.80 6.02
CA TYR A 165 -1.94 -5.22 4.69
C TYR A 165 -0.83 -5.86 3.87
N ARG A 166 0.38 -5.95 4.41
CA ARG A 166 1.42 -6.83 3.93
C ARG A 166 2.10 -6.33 2.63
N ASP A 167 1.92 -5.07 2.25
CA ASP A 167 2.72 -4.53 1.14
C ASP A 167 2.96 -3.04 1.14
N LEU A 168 3.29 -2.51 2.31
CA LEU A 168 3.64 -1.10 2.42
C LEU A 168 4.95 -0.82 1.69
N LYS A 169 4.92 0.16 0.81
CA LYS A 169 6.13 0.71 0.19
C LYS A 169 5.71 1.95 -0.60
N PRO A 170 6.68 2.84 -0.93
CA PRO A 170 6.35 4.07 -1.62
C PRO A 170 5.63 3.87 -2.96
N GLU A 171 5.90 2.74 -3.61
CA GLU A 171 5.25 2.40 -4.89
C GLU A 171 3.74 2.26 -4.75
N ASN A 172 3.25 1.97 -3.54
CA ASN A 172 1.82 1.68 -3.31
C ASN A 172 1.10 2.78 -2.55
N LEU A 173 1.74 3.94 -2.44
CA LEU A 173 1.14 5.06 -1.74
C LEU A 173 0.91 6.20 -2.72
N MET A 174 -0.34 6.45 -3.07
CA MET A 174 -0.64 7.52 -4.00
C MET A 174 -0.77 8.86 -3.29
N ILE A 175 -0.50 9.94 -4.00
CA ILE A 175 -0.68 11.30 -3.50
C ILE A 175 -1.93 11.91 -4.14
N ASP A 176 -2.88 12.37 -3.33
CA ASP A 176 -4.11 12.93 -3.91
C ASP A 176 -3.98 14.43 -4.19
N GLN A 177 -5.05 15.03 -4.70
CA GLN A 177 -5.00 16.44 -5.13
C GLN A 177 -4.69 17.41 -3.99
N GLN A 178 -4.86 16.97 -2.76
CA GLN A 178 -4.61 17.82 -1.60
C GLN A 178 -3.27 17.50 -0.94
N GLY A 179 -2.49 16.61 -1.54
CA GLY A 179 -1.21 16.19 -0.98
C GLY A 179 -1.29 15.12 0.10
N TYR A 180 -2.44 14.51 0.27
CA TYR A 180 -2.61 13.47 1.29
C TYR A 180 -2.46 12.10 0.66
N ILE A 181 -2.14 11.10 1.49
CA ILE A 181 -1.96 9.72 1.04
C ILE A 181 -3.25 8.96 0.72
N LYS A 182 -3.18 8.16 -0.34
CA LYS A 182 -4.14 7.10 -0.60
C LYS A 182 -3.41 5.77 -0.73
N VAL A 183 -3.64 4.86 0.20
CA VAL A 183 -3.03 3.54 0.14
C VAL A 183 -3.78 2.71 -0.89
N THR A 184 -3.04 2.16 -1.83
N THR A 184 -3.05 2.15 -1.84
CA THR A 184 -3.58 1.33 -2.90
CA THR A 184 -3.64 1.33 -2.86
C THR A 184 -3.02 -0.07 -2.80
C THR A 184 -3.00 -0.05 -2.82
N ASP A 185 -3.37 -0.90 -3.77
CA ASP A 185 -2.77 -2.22 -3.94
C ASP A 185 -3.01 -3.17 -2.75
N PHE A 186 -4.25 -3.63 -2.63
CA PHE A 186 -4.61 -4.58 -1.56
C PHE A 186 -4.40 -6.07 -1.95
N GLY A 187 -3.57 -6.31 -2.96
CA GLY A 187 -3.27 -7.64 -3.46
C GLY A 187 -2.87 -8.70 -2.44
N PHE A 188 -2.20 -8.30 -1.36
CA PHE A 188 -1.81 -9.24 -0.29
C PHE A 188 -2.55 -9.04 1.01
N ALA A 189 -3.55 -8.15 1.02
CA ALA A 189 -4.32 -7.94 2.22
C ALA A 189 -5.09 -9.22 2.58
N LYS A 190 -5.25 -9.46 3.88
CA LYS A 190 -5.90 -10.67 4.36
C LYS A 190 -6.58 -10.37 5.66
N ARG A 191 -7.78 -10.92 5.85
CA ARG A 191 -8.46 -10.84 7.13
C ARG A 191 -8.11 -12.09 7.93
N VAL A 192 -7.42 -11.88 9.05
CA VAL A 192 -6.88 -12.99 9.85
C VAL A 192 -6.92 -12.67 11.33
N LYS A 193 -7.55 -13.55 12.07
CA LYS A 193 -7.45 -13.52 13.52
C LYS A 193 -6.37 -14.53 13.88
N GLY A 194 -5.41 -14.12 14.69
CA GLY A 194 -4.28 -14.98 14.97
C GLY A 194 -3.19 -14.79 13.92
N ARG A 195 -2.62 -15.89 13.44
CA ARG A 195 -1.40 -15.83 12.65
C ARG A 195 -1.56 -16.46 11.28
N THR A 196 -0.61 -16.14 10.40
CA THR A 196 -0.62 -16.66 9.03
C THR A 196 0.82 -16.87 8.55
N TRP A 197 0.99 -17.47 7.38
CA TRP A 197 2.30 -18.02 6.99
C TRP A 197 2.78 -17.69 5.60
N TPO A 198 1.95 -17.02 4.80
CA TPO A 198 2.35 -16.81 3.41
CB TPO A 198 1.22 -16.23 2.59
CG2 TPO A 198 1.73 -16.23 1.14
OG1 TPO A 198 0.11 -17.10 2.65
P TPO A 198 -1.17 -16.38 3.28
O1P TPO A 198 -2.27 -17.52 3.52
O2P TPO A 198 -1.68 -15.37 2.30
O3P TPO A 198 -0.78 -15.64 4.65
C TPO A 198 3.58 -15.94 3.30
O TPO A 198 3.64 -14.86 3.88
N LEU A 199 4.55 -16.42 2.53
CA LEU A 199 5.72 -15.61 2.18
C LEU A 199 5.30 -14.68 1.06
N CYS A 200 5.03 -13.44 1.42
CA CYS A 200 4.61 -12.40 0.48
C CYS A 200 4.95 -11.02 0.99
N GLY A 201 5.10 -10.10 0.05
CA GLY A 201 5.48 -8.74 0.37
C GLY A 201 6.56 -8.34 -0.60
N THR A 202 7.33 -7.33 -0.21
CA THR A 202 8.45 -6.86 -1.01
C THR A 202 9.73 -7.01 -0.17
N PRO A 203 10.81 -7.58 -0.75
CA PRO A 203 11.99 -7.96 0.07
C PRO A 203 12.47 -6.91 1.08
N GLU A 204 12.71 -5.68 0.65
CA GLU A 204 13.17 -4.61 1.55
C GLU A 204 12.28 -4.40 2.78
N TYR A 205 11.01 -4.81 2.68
CA TYR A 205 10.01 -4.43 3.68
C TYR A 205 9.61 -5.59 4.58
N LEU A 206 10.15 -6.77 4.34
CA LEU A 206 9.76 -7.97 5.08
C LEU A 206 10.29 -8.02 6.48
N ALA A 207 9.40 -8.30 7.41
CA ALA A 207 9.83 -8.52 8.78
C ALA A 207 10.61 -9.84 8.89
N PRO A 208 11.52 -9.93 9.88
CA PRO A 208 12.30 -11.15 10.03
C PRO A 208 11.43 -12.40 10.22
N GLU A 209 10.29 -12.24 10.89
CA GLU A 209 9.36 -13.39 11.13
C GLU A 209 8.92 -13.96 9.81
N ILE A 210 8.72 -13.10 8.83
CA ILE A 210 8.23 -13.57 7.56
C ILE A 210 9.33 -14.39 6.89
N ILE A 211 10.52 -13.80 6.79
CA ILE A 211 11.66 -14.48 6.20
C ILE A 211 11.94 -15.83 6.83
N LEU A 212 11.84 -15.92 8.16
CA LEU A 212 12.16 -17.16 8.85
C LEU A 212 10.99 -18.15 8.89
N SER A 213 9.93 -17.83 8.15
CA SER A 213 8.73 -18.69 8.00
C SER A 213 8.26 -19.27 9.33
N LYS A 214 8.03 -18.39 10.30
CA LYS A 214 7.74 -18.79 11.66
C LYS A 214 6.24 -18.75 11.98
N GLY A 215 5.47 -18.11 11.10
CA GLY A 215 4.09 -17.73 11.41
C GLY A 215 4.19 -16.28 11.85
N TYR A 216 3.22 -15.44 11.49
CA TYR A 216 3.30 -14.02 11.84
C TYR A 216 1.92 -13.38 11.94
N ASN A 217 1.88 -12.13 12.41
CA ASN A 217 0.62 -11.43 12.63
C ASN A 217 0.72 -9.98 12.15
N LYS A 218 -0.21 -9.15 12.57
CA LYS A 218 -0.29 -7.77 12.11
C LYS A 218 0.96 -6.94 12.46
N ALA A 219 1.82 -7.43 13.36
CA ALA A 219 3.06 -6.73 13.72
C ALA A 219 4.04 -6.57 12.54
N VAL A 220 3.88 -7.36 11.47
CA VAL A 220 4.72 -7.21 10.28
C VAL A 220 4.48 -5.86 9.59
N ASP A 221 3.26 -5.34 9.69
CA ASP A 221 2.90 -4.04 9.13
C ASP A 221 3.63 -2.92 9.88
N TRP A 222 3.76 -3.05 11.21
CA TRP A 222 4.49 -2.02 11.98
C TRP A 222 5.99 -2.06 11.70
N TRP A 223 6.56 -3.27 11.53
CA TRP A 223 7.95 -3.39 11.04
C TRP A 223 8.08 -2.67 9.69
N ALA A 224 7.16 -2.93 8.79
CA ALA A 224 7.14 -2.21 7.51
C ALA A 224 7.02 -0.69 7.61
N LEU A 225 6.23 -0.20 8.57
CA LEU A 225 6.19 1.23 8.81
C LEU A 225 7.58 1.76 9.14
N GLY A 226 8.34 1.02 9.96
CA GLY A 226 9.73 1.38 10.25
C GLY A 226 10.61 1.50 9.01
N VAL A 227 10.49 0.54 8.10
CA VAL A 227 11.22 0.58 6.84
C VAL A 227 10.79 1.81 6.06
N LEU A 228 9.48 2.05 5.95
CA LEU A 228 8.98 3.15 5.15
C LEU A 228 9.52 4.48 5.68
N ILE A 229 9.38 4.72 6.98
CA ILE A 229 9.87 5.96 7.57
C ILE A 229 11.37 6.13 7.32
N TYR A 230 12.15 5.08 7.53
CA TYR A 230 13.59 5.11 7.22
C TYR A 230 13.84 5.52 5.78
N GLU A 231 13.18 4.84 4.86
CA GLU A 231 13.37 5.13 3.43
C GLU A 231 12.94 6.56 3.09
N MET A 232 11.86 7.04 3.68
CA MET A 232 11.40 8.42 3.40
C MET A 232 12.42 9.45 3.87
N ALA A 233 12.97 9.28 5.07
CA ALA A 233 13.90 10.25 5.67
C ALA A 233 15.37 10.11 5.19
N ALA A 234 15.78 8.92 4.79
CA ALA A 234 17.14 8.64 4.33
C ALA A 234 17.31 8.79 2.82
N GLY A 235 16.25 8.43 2.08
CA GLY A 235 16.32 8.32 0.64
C GLY A 235 16.67 6.92 0.13
N TYR A 236 16.99 6.04 1.06
CA TYR A 236 17.20 4.63 0.76
C TYR A 236 16.73 3.79 1.93
N PRO A 237 16.40 2.51 1.70
CA PRO A 237 15.93 1.69 2.80
C PRO A 237 17.05 1.22 3.71
N PRO A 238 16.70 0.75 4.90
CA PRO A 238 17.70 0.32 5.89
C PRO A 238 18.46 -0.93 5.51
N PHE A 239 17.86 -1.76 4.63
CA PHE A 239 18.42 -3.04 4.22
C PHE A 239 18.30 -3.11 2.71
N PHE A 240 19.41 -2.93 2.00
CA PHE A 240 19.37 -3.10 0.55
C PHE A 240 20.60 -3.83 0.04
N ALA A 241 20.40 -4.51 -1.09
CA ALA A 241 21.50 -5.18 -1.79
C ALA A 241 21.11 -5.33 -3.25
N ASP A 242 21.89 -6.06 -4.05
CA ASP A 242 21.51 -6.24 -5.45
C ASP A 242 20.53 -7.40 -5.64
N GLN A 243 20.53 -8.35 -4.70
CA GLN A 243 19.66 -9.52 -4.77
C GLN A 243 18.85 -9.71 -3.47
N PRO A 244 17.58 -10.16 -3.59
CA PRO A 244 16.74 -10.43 -2.42
C PRO A 244 17.40 -11.24 -1.30
N ILE A 245 18.13 -12.30 -1.63
CA ILE A 245 18.70 -13.16 -0.60
C ILE A 245 19.70 -12.40 0.26
N GLN A 246 20.41 -11.46 -0.35
CA GLN A 246 21.36 -10.64 0.38
C GLN A 246 20.62 -9.65 1.28
N ILE A 247 19.47 -9.18 0.82
CA ILE A 247 18.60 -8.32 1.61
C ILE A 247 18.05 -9.11 2.82
N TYR A 248 17.61 -10.34 2.59
CA TYR A 248 17.09 -11.20 3.64
C TYR A 248 18.13 -11.44 4.74
N GLU A 249 19.36 -11.65 4.30
CA GLU A 249 20.49 -11.89 5.19
C GLU A 249 20.74 -10.68 6.09
N LYS A 250 20.63 -9.49 5.52
CA LYS A 250 20.77 -8.25 6.28
C LYS A 250 19.63 -8.08 7.28
N ILE A 251 18.40 -8.40 6.86
CA ILE A 251 17.24 -8.25 7.73
C ILE A 251 17.35 -9.17 8.94
N VAL A 252 17.69 -10.43 8.71
CA VAL A 252 17.75 -11.38 9.83
C VAL A 252 18.92 -11.04 10.77
N SER A 253 20.06 -10.65 10.24
CA SER A 253 21.14 -10.14 11.10
C SER A 253 20.63 -8.90 11.86
N GLY A 254 19.97 -8.00 11.13
CA GLY A 254 19.09 -6.99 11.72
C GLY A 254 19.73 -5.79 12.39
N LYS A 255 20.99 -5.52 12.10
CA LYS A 255 21.66 -4.36 12.70
C LYS A 255 21.49 -3.12 11.83
N VAL A 256 20.55 -2.26 12.21
CA VAL A 256 20.30 -1.03 11.46
C VAL A 256 21.28 0.09 11.82
N ARG A 257 21.75 0.78 10.80
CA ARG A 257 22.62 1.95 10.99
C ARG A 257 21.93 3.14 10.36
N PHE A 258 21.99 4.28 11.03
CA PHE A 258 21.23 5.45 10.64
C PHE A 258 22.12 6.52 10.00
N PRO A 259 21.56 7.32 9.07
CA PRO A 259 22.26 8.53 8.57
C PRO A 259 22.55 9.50 9.68
N SER A 260 23.64 10.27 9.57
CA SER A 260 24.05 11.14 10.66
C SER A 260 23.03 12.28 10.86
N HIS A 261 22.25 12.58 9.82
CA HIS A 261 21.27 13.68 9.92
C HIS A 261 19.94 13.26 10.58
N PHE A 262 19.79 11.97 10.85
CA PHE A 262 18.62 11.46 11.58
C PHE A 262 18.61 12.02 13.00
N SER A 263 17.50 12.64 13.38
CA SER A 263 17.32 13.11 14.75
C SER A 263 17.35 11.95 15.74
N SER A 264 17.67 12.28 17.00
N SER A 264 17.66 12.29 17.00
CA SER A 264 17.74 11.28 18.04
CA SER A 264 17.74 11.29 18.05
C SER A 264 16.36 10.65 18.22
C SER A 264 16.36 10.65 18.21
N ASP A 265 15.31 11.48 18.15
CA ASP A 265 13.93 11.00 18.26
C ASP A 265 13.57 10.03 17.13
N LEU A 266 13.92 10.39 15.89
CA LEU A 266 13.63 9.50 14.76
C LEU A 266 14.32 8.16 15.00
N LYS A 267 15.57 8.22 15.46
CA LYS A 267 16.35 7.01 15.64
C LYS A 267 15.71 6.11 16.69
N ASP A 268 15.27 6.69 17.79
CA ASP A 268 14.66 5.92 18.86
C ASP A 268 13.38 5.25 18.38
N LEU A 269 12.56 5.98 17.63
CA LEU A 269 11.35 5.41 17.07
C LEU A 269 11.67 4.20 16.17
N LEU A 270 12.64 4.37 15.27
CA LEU A 270 12.97 3.33 14.33
C LEU A 270 13.56 2.12 15.04
N ARG A 271 14.31 2.33 16.13
CA ARG A 271 14.87 1.21 16.86
C ARG A 271 13.75 0.39 17.51
N ASN A 272 12.63 1.05 17.82
CA ASN A 272 11.46 0.39 18.39
C ASN A 272 10.48 -0.20 17.37
N LEU A 273 10.58 0.22 16.10
CA LEU A 273 9.78 -0.39 15.02
C LEU A 273 10.55 -1.50 14.28
N LEU A 274 11.82 -1.26 13.99
CA LEU A 274 12.70 -2.27 13.39
C LEU A 274 13.29 -3.16 14.49
N GLN A 275 12.39 -3.80 15.23
CA GLN A 275 12.68 -4.59 16.41
C GLN A 275 12.34 -6.05 16.13
N VAL A 276 13.36 -6.90 16.14
CA VAL A 276 13.13 -8.31 15.82
C VAL A 276 12.24 -8.99 16.88
N ASP A 277 12.35 -8.55 18.14
CA ASP A 277 11.65 -9.14 19.26
C ASP A 277 10.19 -8.67 19.30
N LEU A 278 9.24 -9.54 18.96
CA LEU A 278 7.84 -9.15 18.92
C LEU A 278 7.34 -8.67 20.28
N THR A 279 7.98 -9.14 21.35
CA THR A 279 7.55 -8.75 22.68
C THR A 279 7.98 -7.32 22.99
N LYS A 280 8.77 -6.73 22.10
CA LYS A 280 9.29 -5.38 22.30
C LYS A 280 8.93 -4.42 21.15
N ARG A 281 8.41 -4.93 20.04
CA ARG A 281 8.16 -4.09 18.88
C ARG A 281 6.95 -3.15 19.11
N PHE A 282 7.15 -1.85 18.92
CA PHE A 282 6.07 -0.87 18.99
C PHE A 282 4.98 -1.21 17.97
N GLY A 283 3.74 -1.06 18.41
CA GLY A 283 2.57 -1.46 17.64
C GLY A 283 2.06 -2.80 18.13
N ASN A 284 2.94 -3.59 18.74
CA ASN A 284 2.60 -4.95 19.19
C ASN A 284 2.63 -5.14 20.72
N LEU A 285 2.62 -4.03 21.47
CA LEU A 285 2.63 -4.11 22.94
C LEU A 285 1.19 -3.99 23.44
N LYS A 286 1.00 -4.06 24.76
CA LYS A 286 -0.34 -4.00 25.31
C LYS A 286 -0.98 -2.64 25.08
N ASN A 287 -0.16 -1.62 24.89
CA ASN A 287 -0.64 -0.28 24.62
C ASN A 287 -0.90 -0.04 23.13
N GLY A 288 -0.65 -1.06 22.30
CA GLY A 288 -0.97 -0.98 20.89
C GLY A 288 -0.38 0.22 20.16
N VAL A 289 -1.18 0.81 19.28
CA VAL A 289 -0.73 1.91 18.43
C VAL A 289 -0.35 3.17 19.21
N ASN A 290 -0.79 3.27 20.46
CA ASN A 290 -0.50 4.51 21.18
C ASN A 290 0.97 4.64 21.60
N ASP A 291 1.68 3.52 21.66
CA ASP A 291 3.14 3.58 21.84
C ASP A 291 3.81 4.36 20.71
N ILE A 292 3.20 4.33 19.52
CA ILE A 292 3.70 5.03 18.34
C ILE A 292 3.20 6.47 18.32
N LYS A 293 1.89 6.63 18.46
CA LYS A 293 1.26 7.96 18.45
C LYS A 293 1.84 8.88 19.48
N ASN A 294 2.17 8.33 20.63
CA ASN A 294 2.67 9.11 21.75
C ASN A 294 4.20 9.22 21.80
N HIS A 295 4.89 8.66 20.82
CA HIS A 295 6.36 8.75 20.75
C HIS A 295 6.81 10.18 20.49
N LYS A 296 7.93 10.58 21.08
CA LYS A 296 8.43 11.97 20.96
C LYS A 296 8.58 12.47 19.52
N TRP A 297 8.84 11.57 18.59
CA TRP A 297 8.98 11.97 17.19
C TRP A 297 7.66 12.52 16.64
N PHE A 298 6.54 12.09 17.19
CA PHE A 298 5.22 12.55 16.78
C PHE A 298 4.65 13.61 17.74
N ALA A 299 5.50 14.20 18.58
CA ALA A 299 5.04 15.21 19.53
C ALA A 299 4.28 16.36 18.87
N THR A 300 4.73 16.76 17.69
CA THR A 300 4.14 17.91 16.98
C THR A 300 2.90 17.54 16.16
N THR A 301 2.55 16.26 16.14
CA THR A 301 1.45 15.78 15.31
C THR A 301 0.10 15.88 16.04
N ASP A 302 -0.85 16.54 15.39
CA ASP A 302 -2.24 16.60 15.85
C ASP A 302 -2.96 15.50 15.10
N TRP A 303 -3.13 14.38 15.80
CA TRP A 303 -3.65 13.18 15.17
C TRP A 303 -5.08 13.36 14.64
N ILE A 304 -5.89 14.12 15.33
CA ILE A 304 -7.24 14.43 14.87
C ILE A 304 -7.18 15.35 13.64
N ALA A 305 -6.37 16.38 13.72
CA ALA A 305 -6.18 17.26 12.56
C ALA A 305 -5.75 16.46 11.33
N ILE A 306 -4.87 15.48 11.50
CA ILE A 306 -4.41 14.66 10.38
C ILE A 306 -5.58 13.89 9.78
N TYR A 307 -6.34 13.26 10.66
CA TYR A 307 -7.51 12.49 10.24
C TYR A 307 -8.55 13.35 9.52
N GLN A 308 -8.76 14.56 10.00
CA GLN A 308 -9.74 15.48 9.42
C GLN A 308 -9.21 16.19 8.18
N ARG A 309 -7.95 15.94 7.86
CA ARG A 309 -7.29 16.49 6.68
C ARG A 309 -7.14 18.02 6.76
N LYS A 310 -7.00 18.55 7.99
CA LYS A 310 -6.88 19.99 8.22
C LYS A 310 -5.44 20.47 8.34
N VAL A 311 -4.49 19.55 8.29
CA VAL A 311 -3.07 19.91 8.30
C VAL A 311 -2.64 20.31 6.89
N GLU A 312 -1.79 21.33 6.81
CA GLU A 312 -1.23 21.78 5.53
C GLU A 312 -0.22 20.77 4.99
N ALA A 313 -0.48 20.25 3.81
CA ALA A 313 0.39 19.25 3.23
C ALA A 313 1.71 19.90 2.87
N PRO A 314 2.80 19.13 2.91
CA PRO A 314 4.13 19.67 2.60
C PRO A 314 4.31 19.91 1.12
N PHE A 315 3.49 19.23 0.33
CA PHE A 315 3.70 19.12 -1.09
C PHE A 315 2.37 18.83 -1.78
N ILE A 316 1.92 19.80 -2.57
CA ILE A 316 0.73 19.63 -3.39
C ILE A 316 1.17 19.41 -4.84
N PRO A 317 0.82 18.27 -5.45
CA PRO A 317 1.31 18.01 -6.82
C PRO A 317 0.82 19.01 -7.87
N LYS A 318 1.65 19.27 -8.88
CA LYS A 318 1.25 20.10 -10.00
C LYS A 318 -0.02 19.53 -10.65
N PHE A 319 -1.05 20.37 -10.70
CA PHE A 319 -2.37 19.94 -11.14
C PHE A 319 -2.62 20.23 -12.62
N LYS A 320 -3.85 19.96 -13.04
CA LYS A 320 -4.27 20.17 -14.42
C LYS A 320 -5.67 19.60 -14.54
N GLY A 321 -6.37 19.93 -15.61
CA GLY A 321 -7.72 19.42 -15.81
C GLY A 321 -7.74 17.91 -15.65
N PRO A 322 -8.75 17.37 -14.93
CA PRO A 322 -8.86 15.91 -14.73
C PRO A 322 -8.61 15.11 -16.01
N GLY A 323 -7.87 14.02 -15.89
CA GLY A 323 -7.45 13.26 -17.04
C GLY A 323 -6.01 13.56 -17.43
N ASP A 324 -5.34 14.39 -16.63
CA ASP A 324 -3.92 14.68 -16.83
C ASP A 324 -3.10 13.70 -15.99
N THR A 325 -1.97 13.27 -16.54
CA THR A 325 -1.17 12.21 -15.92
C THR A 325 0.30 12.57 -15.84
N SER A 326 0.56 13.87 -15.70
CA SER A 326 1.93 14.37 -15.66
C SER A 326 2.75 13.76 -14.52
N ASN A 327 2.09 13.37 -13.44
CA ASN A 327 2.82 12.84 -12.30
C ASN A 327 3.06 11.34 -12.41
N PHE A 328 2.72 10.76 -13.57
CA PHE A 328 2.90 9.33 -13.81
C PHE A 328 3.95 9.06 -14.86
N ASP A 329 4.64 7.92 -14.72
CA ASP A 329 5.54 7.44 -15.74
C ASP A 329 4.72 6.95 -16.93
N ASP A 330 5.33 6.99 -18.10
CA ASP A 330 4.67 6.46 -19.28
C ASP A 330 4.95 4.97 -19.41
N TYR A 331 3.93 4.22 -19.79
CA TYR A 331 4.04 2.77 -19.92
C TYR A 331 3.62 2.31 -21.31
N GLU A 332 4.19 1.19 -21.76
CA GLU A 332 3.79 0.61 -23.03
C GLU A 332 2.30 0.22 -23.00
N GLU A 333 1.51 0.81 -23.90
CA GLU A 333 0.07 0.51 -23.97
C GLU A 333 -0.20 -0.80 -24.72
N GLU A 334 -1.16 -1.57 -24.21
CA GLU A 334 -1.56 -2.82 -24.84
C GLU A 334 -3.07 -2.90 -24.94
N GLU A 335 -3.57 -3.51 -26.01
CA GLU A 335 -5.00 -3.65 -26.19
C GLU A 335 -5.55 -4.67 -25.20
N ILE A 336 -6.75 -4.41 -24.68
CA ILE A 336 -7.41 -5.30 -23.73
C ILE A 336 -8.25 -6.34 -24.46
N ARG A 337 -7.75 -7.57 -24.57
CA ARG A 337 -8.44 -8.61 -25.33
C ARG A 337 -9.43 -9.35 -24.43
N VAL A 338 -10.63 -9.54 -24.95
CA VAL A 338 -11.66 -10.33 -24.28
C VAL A 338 -12.03 -11.55 -25.13
N SEP A 339 -11.73 -12.74 -24.66
CA SEP A 339 -12.05 -13.97 -25.42
CB SEP A 339 -11.40 -15.17 -24.74
OG SEP A 339 -11.85 -16.39 -25.28
C SEP A 339 -13.56 -14.19 -25.57
O SEP A 339 -14.34 -13.67 -24.79
P SEP A 339 -10.84 -16.96 -26.41
O1P SEP A 339 -11.06 -18.55 -26.52
O2P SEP A 339 -9.32 -16.61 -26.07
O3P SEP A 339 -11.23 -16.21 -27.78
N ILE A 340 -13.98 -14.93 -26.60
CA ILE A 340 -15.39 -15.26 -26.76
C ILE A 340 -15.78 -16.42 -25.84
N ASN A 341 -14.78 -17.03 -25.20
CA ASN A 341 -15.05 -18.08 -24.20
C ASN A 341 -14.71 -17.68 -22.77
N GLU A 342 -15.54 -18.09 -21.81
CA GLU A 342 -15.30 -17.75 -20.42
C GLU A 342 -14.13 -18.55 -19.85
N LYS A 343 -13.20 -17.84 -19.19
CA LYS A 343 -12.02 -18.46 -18.62
C LYS A 343 -12.15 -18.41 -17.11
N CYS A 344 -11.78 -19.51 -16.47
CA CYS A 344 -11.69 -19.60 -15.01
C CYS A 344 -12.92 -19.06 -14.28
N GLY A 345 -14.10 -19.44 -14.75
CA GLY A 345 -15.35 -18.98 -14.17
C GLY A 345 -15.53 -19.48 -12.74
N LYS A 346 -15.30 -20.76 -12.51
CA LYS A 346 -15.50 -21.35 -11.19
C LYS A 346 -14.52 -20.73 -10.18
N GLU A 347 -13.26 -20.56 -10.58
CA GLU A 347 -12.25 -19.99 -9.69
C GLU A 347 -12.63 -18.60 -9.17
N PHE A 348 -13.30 -17.81 -9.97
CA PHE A 348 -13.59 -16.42 -9.63
C PHE A 348 -15.08 -16.17 -9.47
N SER A 349 -15.81 -17.23 -9.15
CA SER A 349 -17.26 -17.15 -8.98
C SER A 349 -17.71 -16.00 -8.07
N GLU A 350 -17.07 -15.83 -6.92
CA GLU A 350 -17.52 -14.85 -5.94
C GLU A 350 -17.06 -13.40 -6.26
N PHE A 351 -16.16 -13.24 -7.23
CA PHE A 351 -15.67 -11.89 -7.60
C PHE A 351 -16.80 -11.04 -8.18
N THR B 1 29.79 6.78 -0.14
CA THR B 1 28.67 7.10 0.73
C THR B 1 27.57 6.05 0.57
N THR B 2 26.76 5.89 1.61
CA THR B 2 25.63 4.96 1.50
C THR B 2 24.68 5.35 0.37
N TYR B 3 24.41 6.64 0.21
CA TYR B 3 23.53 7.11 -0.88
C TYR B 3 24.07 6.69 -2.25
N ALA B 4 25.37 6.91 -2.48
CA ALA B 4 25.98 6.57 -3.75
C ALA B 4 25.91 5.06 -3.97
N ASP B 5 26.09 4.28 -2.91
CA ASP B 5 25.94 2.84 -3.02
C ASP B 5 24.49 2.46 -3.39
N PHE B 6 23.51 3.16 -2.84
CA PHE B 6 22.12 2.87 -3.16
C PHE B 6 21.88 3.17 -4.65
N ILE B 7 22.32 4.36 -5.08
CA ILE B 7 22.05 4.83 -6.43
C ILE B 7 22.73 3.92 -7.46
N ALA B 8 23.86 3.32 -7.10
CA ALA B 8 24.59 2.40 -7.99
C ALA B 8 24.02 0.98 -7.96
N SER B 9 23.06 0.72 -7.07
CA SER B 9 22.49 -0.61 -6.95
C SER B 9 21.43 -0.85 -7.99
N GLY B 10 21.00 -2.09 -8.07
CA GLY B 10 19.99 -2.47 -9.04
C GLY B 10 18.57 -2.34 -8.52
N ARG B 11 18.37 -1.77 -7.34
CA ARG B 11 17.04 -1.72 -6.77
C ARG B 11 16.55 -0.30 -6.43
N THR B 12 16.84 0.65 -7.31
CA THR B 12 16.38 2.01 -7.11
C THR B 12 15.09 2.29 -7.89
N GLY B 13 14.75 1.39 -8.82
CA GLY B 13 13.47 1.45 -9.50
C GLY B 13 12.34 0.74 -8.75
N ARG B 14 11.18 0.65 -9.38
CA ARG B 14 10.02 0.06 -8.73
C ARG B 14 10.29 -1.40 -8.39
N ARG B 15 9.96 -1.76 -7.16
CA ARG B 15 10.28 -3.07 -6.63
C ARG B 15 9.10 -4.02 -6.74
N ASN B 16 9.38 -5.22 -7.24
CA ASN B 16 8.33 -6.22 -7.43
C ASN B 16 8.04 -6.92 -6.14
N ALA B 17 6.77 -7.25 -5.96
CA ALA B 17 6.39 -8.05 -4.81
C ALA B 17 6.86 -9.48 -5.02
N ILE B 18 6.86 -10.23 -3.93
CA ILE B 18 7.01 -11.67 -3.98
C ILE B 18 5.70 -12.29 -3.47
N HIS B 19 5.44 -13.53 -3.87
CA HIS B 19 4.33 -14.28 -3.29
C HIS B 19 4.61 -15.79 -3.34
N ASP B 20 3.85 -16.56 -2.57
CA ASP B 20 3.98 -18.02 -2.58
CAK NVX C . -2.55 2.05 -8.41
CAV NVX C . -3.62 2.95 -8.33
NAO NVX C . -4.68 2.63 -7.49
CAI NVX C . -5.63 3.54 -7.36
NAP NVX C . -5.64 4.74 -7.98
CAU NVX C . -4.64 5.13 -8.86
OAB NVX C . -4.66 6.23 -9.40
CAW NVX C . -3.57 4.15 -9.05
CAH NVX C . -2.49 4.41 -9.89
CAG NVX C . -1.44 3.50 -9.96
CAT NVX C . -1.45 2.35 -9.20
CAY NVX C . -0.17 1.52 -9.10
CAM NVX C . 0.66 1.88 -7.85
NAN NVX C . 1.57 0.74 -7.59
CAL NVX C . 0.98 -0.42 -8.28
CAX NVX C . -0.34 -0.01 -8.94
CAQ NVX C . -0.60 -0.76 -10.24
OAA NVX C . -0.51 -0.17 -11.31
CAS NVX C . -0.93 -2.21 -10.18
CAJ NVX C . -1.11 -3.01 -11.31
CAR NVX C . -1.40 -4.35 -11.15
CL NVX C . -1.71 -5.32 -12.55
CAE NVX C . -1.50 -4.93 -9.91
CAD NVX C . -1.34 -4.13 -8.78
CAF NVX C . -1.07 -2.78 -8.92
HAK NVX C . -2.60 1.12 -7.85
HAI NVX C . -6.47 3.30 -6.70
HAP NVX C . -6.39 5.40 -7.80
HAH NVX C . -2.47 5.32 -10.49
HAG NVX C . -0.61 3.73 -10.62
HAY NVX C . 0.43 1.73 -9.98
HAM1 NVX C . 1.17 2.83 -8.00
HAM2 NVX C . 0.04 2.03 -6.96
HAX NVX C . -1.17 -0.22 -8.25
HAN NVX C . 1.70 0.58 -6.60
HAL1 NVX C . 1.70 -0.75 -9.03
HAL2 NVX C . 0.85 -1.29 -7.63
HAJ NVX C . -1.02 -2.58 -12.31
HAF NVX C . -0.95 -2.17 -8.03
HAE NVX C . -1.70 -5.99 -9.82
HAD NVX C . -1.43 -4.57 -7.79
C MOH D . -14.22 -21.70 -17.52
O MOH D . -15.38 -21.00 -17.02
H1 MOH D . -14.31 -21.90 -18.58
H2 MOH D . -14.09 -22.62 -16.96
H3 MOH D . -13.38 -21.06 -17.31
HO MOH D . -15.38 -20.14 -17.41
C MOH E . -8.09 -13.53 -27.14
O MOH E . -7.16 -12.46 -26.86
H1 MOH E . -7.91 -13.97 -28.11
H2 MOH E . -9.11 -13.15 -27.07
H3 MOH E . -7.97 -14.26 -26.35
HO MOH E . -7.08 -11.95 -27.65
#